data_9GIF
#
_entry.id   9GIF
#
_cell.length_a   41.85
_cell.length_b   71.53
_cell.length_c   96.3
_cell.angle_alpha   90
_cell.angle_beta   90
_cell.angle_gamma   90
#
_symmetry.space_group_name_H-M   'P 21 21 21'
#
loop_
_entity.id
_entity.type
_entity.pdbx_description
1 polymer 'Glutamate receptor ionotropic, NMDA 1'
2 non-polymer '(2~{R})-2-azanyl-3-(2~{H}-thiophen-5-ylcarbonylamino)propanoic acid'
3 non-polymer 'SULFATE ION'
4 water water
#
_entity_poly.entity_id   1
_entity_poly.type   'polypeptide(L)'
_entity_poly.pdbx_seq_one_letter_code
;MSTRLKIVTIHQEPFVYVKPTLSDGTCKEEFTVNGDPVKKVICTGPNDTSPGSPRHTVPQCCYGFCIDLLIKLARTMNFT
YEVHLVADGKFGTQERVNNSNKKEWNGMMGELLSGQADMIVAPLTINNERAQYIEFSKPFKYQGLTILVKKGTRITGIND
PRLRNPSDKFIYATVKQSSVDIYFRRQVELSTMYRHMEKHNYESAAEAIQAVRDNKLHAFIWDSAVLEFEASQKCDLVTT
GELFFRSGFGIGMRKDSPWKQNVSLSILKSHENGFMEDLDKTWVRYQECDSR
;
_entity_poly.pdbx_strand_id   A
#
# COMPACT_ATOMS: atom_id res chain seq x y z
N ARG A 4 21.57 5.94 11.38
CA ARG A 4 20.85 5.77 10.08
C ARG A 4 19.59 4.95 10.32
N LEU A 5 18.43 5.56 10.08
CA LEU A 5 17.15 4.85 10.24
C LEU A 5 16.97 3.77 9.18
N LYS A 6 16.38 2.64 9.60
CA LYS A 6 15.97 1.60 8.69
C LYS A 6 14.52 1.82 8.29
N ILE A 7 14.32 2.21 7.03
CA ILE A 7 12.99 2.42 6.48
C ILE A 7 12.52 1.14 5.82
N VAL A 8 11.31 0.72 6.15
CA VAL A 8 10.68 -0.36 5.41
C VAL A 8 9.55 0.21 4.57
N THR A 9 9.44 -0.30 3.34
CA THR A 9 8.34 0.05 2.47
C THR A 9 7.90 -1.20 1.69
N ILE A 10 7.00 -0.97 0.74
CA ILE A 10 6.42 -2.05 -0.03
C ILE A 10 6.16 -1.52 -1.44
N HIS A 11 6.26 -2.41 -2.44
CA HIS A 11 5.84 -2.07 -3.80
C HIS A 11 4.37 -1.70 -3.80
N GLN A 12 4.02 -0.50 -4.32
CA GLN A 12 2.61 -0.12 -4.43
C GLN A 12 2.49 1.19 -5.22
N GLU A 13 2.32 1.06 -6.54
CA GLU A 13 2.23 2.22 -7.40
C GLU A 13 0.92 2.92 -7.09
N PRO A 14 0.82 4.27 -7.11
CA PRO A 14 1.90 5.19 -7.45
C PRO A 14 2.74 5.71 -6.30
N PHE A 15 2.63 5.05 -5.13
CA PHE A 15 3.32 5.48 -3.93
C PHE A 15 4.78 5.04 -3.95
N VAL A 16 4.99 3.79 -4.34
CA VAL A 16 6.33 3.21 -4.39
C VAL A 16 6.43 2.32 -5.63
N TYR A 17 7.18 2.81 -6.61
CA TYR A 17 7.63 2.02 -7.75
C TYR A 17 8.89 1.27 -7.34
N VAL A 18 9.07 0.06 -7.89
CA VAL A 18 10.26 -0.74 -7.68
C VAL A 18 10.72 -1.25 -9.04
N LYS A 19 11.95 -0.88 -9.41
CA LYS A 19 12.52 -1.31 -10.67
C LYS A 19 13.91 -1.92 -10.44
N PRO A 20 14.39 -2.82 -11.34
CA PRO A 20 15.78 -3.25 -11.26
C PRO A 20 16.77 -2.11 -11.43
N THR A 21 17.98 -2.21 -10.84
CA THR A 21 19.09 -1.37 -11.24
C THR A 21 19.44 -1.73 -12.68
N LEU A 22 20.15 -0.81 -13.31
CA LEU A 22 20.86 -1.08 -14.55
C LEU A 22 22.02 -2.01 -14.20
N SER A 23 22.71 -2.45 -15.25
CA SER A 23 23.77 -3.44 -15.07
C SER A 23 24.91 -2.89 -14.23
N ASP A 24 25.03 -1.56 -14.09
CA ASP A 24 26.14 -0.96 -13.38
C ASP A 24 25.74 -0.63 -11.95
N GLY A 25 24.53 -1.06 -11.55
CA GLY A 25 24.03 -0.83 -10.20
C GLY A 25 23.44 0.58 -10.02
N THR A 26 23.34 1.38 -11.09
CA THR A 26 22.68 2.70 -11.00
C THR A 26 21.19 2.55 -11.34
N CYS A 27 20.44 3.64 -11.17
CA CYS A 27 19.03 3.72 -11.46
C CYS A 27 18.82 4.57 -12.71
N LYS A 28 17.99 4.10 -13.63
CA LYS A 28 17.77 4.80 -14.89
C LYS A 28 17.41 6.26 -14.63
N GLU A 29 18.01 7.16 -15.39
CA GLU A 29 17.63 8.57 -15.31
C GLU A 29 16.27 8.77 -15.97
N GLU A 30 15.33 9.32 -15.19
CA GLU A 30 13.97 9.54 -15.66
C GLU A 30 13.52 10.93 -15.22
N PHE A 31 12.52 11.48 -15.94
CA PHE A 31 11.98 12.81 -15.67
C PHE A 31 10.48 12.74 -15.55
N THR A 32 9.92 13.60 -14.70
CA THR A 32 8.46 13.71 -14.58
C THR A 32 7.89 14.37 -15.83
N VAL A 33 6.56 14.40 -15.95
CA VAL A 33 5.90 15.07 -17.07
C VAL A 33 6.35 16.54 -17.18
N ASN A 34 6.73 17.16 -16.05
CA ASN A 34 7.13 18.56 -16.03
C ASN A 34 8.62 18.76 -16.28
N GLY A 35 9.40 17.69 -16.46
CA GLY A 35 10.81 17.84 -16.80
C GLY A 35 11.75 17.76 -15.59
N ASP A 36 11.21 17.53 -14.39
CA ASP A 36 12.04 17.47 -13.20
C ASP A 36 12.60 16.05 -13.05
N PRO A 37 13.84 15.89 -12.53
CA PRO A 37 14.37 14.56 -12.32
C PRO A 37 13.48 13.78 -11.37
N VAL A 38 13.25 12.52 -11.70
CA VAL A 38 12.62 11.60 -10.78
C VAL A 38 13.63 11.24 -9.72
N LYS A 39 13.28 11.52 -8.46
CA LYS A 39 14.14 11.15 -7.35
C LYS A 39 14.07 9.65 -7.09
N LYS A 40 15.25 8.98 -7.03
CA LYS A 40 15.36 7.54 -6.88
C LYS A 40 16.31 7.18 -5.75
N VAL A 41 15.87 6.25 -4.93
CA VAL A 41 16.64 5.78 -3.81
C VAL A 41 16.89 4.30 -4.06
N ILE A 42 18.02 3.79 -3.52
CA ILE A 42 18.25 2.36 -3.55
C ILE A 42 17.42 1.72 -2.45
N CYS A 43 16.69 0.69 -2.82
CA CYS A 43 15.98 -0.14 -1.86
C CYS A 43 16.36 -1.59 -2.11
N THR A 44 16.86 -2.25 -1.06
CA THR A 44 17.13 -3.68 -1.12
C THR A 44 15.84 -4.43 -0.83
N GLY A 45 15.67 -5.54 -1.55
CA GLY A 45 14.54 -6.40 -1.30
C GLY A 45 14.54 -7.61 -2.21
N PRO A 46 13.52 -8.48 -2.06
CA PRO A 46 13.35 -9.62 -2.95
C PRO A 46 13.06 -9.15 -4.36
N ASN A 47 13.67 -9.81 -5.35
CA ASN A 47 13.46 -9.43 -6.75
C ASN A 47 12.70 -10.52 -7.50
N ASP A 48 12.18 -11.53 -6.79
CA ASP A 48 11.39 -12.57 -7.45
C ASP A 48 10.51 -13.28 -6.43
N THR A 49 9.19 -13.20 -6.66
CA THR A 49 8.20 -13.80 -5.78
C THR A 49 7.44 -14.91 -6.53
N SER A 50 8.03 -15.46 -7.60
CA SER A 50 7.40 -16.56 -8.33
C SER A 50 7.63 -17.85 -7.53
N PRO A 51 6.57 -18.64 -7.24
CA PRO A 51 6.75 -19.94 -6.59
C PRO A 51 7.72 -20.86 -7.31
N GLY A 52 8.73 -21.37 -6.56
CA GLY A 52 9.72 -22.29 -7.11
C GLY A 52 11.04 -21.61 -7.42
N SER A 53 11.01 -20.31 -7.75
CA SER A 53 12.22 -19.59 -8.05
C SER A 53 12.92 -19.20 -6.74
N PRO A 54 14.28 -19.21 -6.67
CA PRO A 54 14.96 -18.81 -5.45
C PRO A 54 14.87 -17.31 -5.15
N ARG A 55 14.56 -16.98 -3.89
CA ARG A 55 14.51 -15.60 -3.42
C ARG A 55 15.94 -15.10 -3.24
N HIS A 56 16.19 -13.88 -3.74
CA HIS A 56 17.45 -13.19 -3.52
C HIS A 56 17.15 -11.74 -3.14
N THR A 57 17.77 -11.25 -2.06
CA THR A 57 17.61 -9.86 -1.65
C THR A 57 18.67 -9.04 -2.38
N VAL A 58 18.23 -8.13 -3.26
CA VAL A 58 19.17 -7.39 -4.11
C VAL A 58 18.83 -5.91 -4.04
N PRO A 59 19.80 -5.03 -4.37
CA PRO A 59 19.53 -3.61 -4.51
C PRO A 59 18.62 -3.37 -5.70
N GLN A 60 17.60 -2.52 -5.49
CA GLN A 60 16.66 -2.12 -6.53
C GLN A 60 16.45 -0.61 -6.45
N CYS A 61 15.67 -0.09 -7.39
CA CYS A 61 15.43 1.35 -7.48
C CYS A 61 13.99 1.63 -7.07
N CYS A 62 13.81 2.55 -6.11
CA CYS A 62 12.50 2.89 -5.54
C CYS A 62 12.23 4.38 -5.81
N TYR A 63 10.96 4.73 -6.04
CA TYR A 63 10.56 6.10 -6.31
C TYR A 63 9.02 6.17 -6.26
N GLY A 64 8.49 7.40 -6.15
CA GLY A 64 7.04 7.60 -6.12
C GLY A 64 6.64 8.55 -5.00
N PHE A 65 5.32 8.69 -4.79
CA PHE A 65 4.80 9.62 -3.79
C PHE A 65 5.53 9.42 -2.46
N CYS A 66 5.60 8.18 -1.97
CA CYS A 66 6.10 7.95 -0.62
C CYS A 66 7.61 8.18 -0.55
N ILE A 67 8.31 7.97 -1.67
CA ILE A 67 9.76 8.16 -1.70
C ILE A 67 10.09 9.65 -1.66
N ASP A 68 9.35 10.48 -2.41
CA ASP A 68 9.49 11.92 -2.32
C ASP A 68 9.21 12.38 -0.89
N LEU A 69 8.16 11.80 -0.29
CA LEU A 69 7.76 12.16 1.07
C LEU A 69 8.90 11.84 2.06
N LEU A 70 9.45 10.62 1.93
CA LEU A 70 10.62 10.18 2.69
C LEU A 70 11.76 11.19 2.58
N ILE A 71 12.12 11.54 1.36
CA ILE A 71 13.26 12.41 1.14
C ILE A 71 13.03 13.74 1.86
N LYS A 72 11.83 14.28 1.75
CA LYS A 72 11.46 15.52 2.41
C LYS A 72 11.57 15.38 3.93
N LEU A 73 11.02 14.29 4.51
CA LEU A 73 11.11 14.04 5.94
C LEU A 73 12.58 14.02 6.38
N ALA A 74 13.42 13.26 5.66
CA ALA A 74 14.83 13.10 6.01
C ALA A 74 15.54 14.45 6.04
N ARG A 75 15.33 15.28 5.02
CA ARG A 75 15.84 16.63 4.95
C ARG A 75 15.34 17.46 6.14
N THR A 76 14.03 17.49 6.36
CA THR A 76 13.40 18.37 7.34
C THR A 76 13.83 18.00 8.77
N MET A 77 14.02 16.71 9.02
CA MET A 77 14.31 16.23 10.37
C MET A 77 15.77 15.79 10.51
N ASN A 78 16.58 16.02 9.48
CA ASN A 78 18.02 15.84 9.54
C ASN A 78 18.41 14.40 9.90
N PHE A 79 17.79 13.40 9.27
CA PHE A 79 18.19 12.02 9.53
C PHE A 79 18.68 11.38 8.25
N THR A 80 19.56 10.38 8.37
CA THR A 80 19.97 9.52 7.27
C THR A 80 19.16 8.24 7.37
N TYR A 81 19.06 7.52 6.26
CA TYR A 81 18.24 6.33 6.23
C TYR A 81 18.78 5.33 5.21
N GLU A 82 18.29 4.09 5.32
CA GLU A 82 18.42 3.11 4.26
C GLU A 82 17.09 2.38 4.11
N VAL A 83 16.69 2.13 2.87
CA VAL A 83 15.36 1.62 2.55
C VAL A 83 15.46 0.15 2.16
N HIS A 84 14.52 -0.66 2.64
CA HIS A 84 14.35 -1.99 2.11
C HIS A 84 12.87 -2.27 1.93
N LEU A 85 12.60 -3.27 1.13
CA LEU A 85 11.25 -3.78 0.90
C LEU A 85 10.96 -4.90 1.88
N VAL A 86 9.75 -4.87 2.43
CA VAL A 86 9.30 -5.81 3.44
C VAL A 86 9.51 -7.24 2.92
N ALA A 87 10.16 -8.08 3.74
CA ALA A 87 10.66 -9.37 3.27
C ALA A 87 9.51 -10.28 2.80
N ASP A 88 8.39 -10.28 3.52
CA ASP A 88 7.31 -11.20 3.17
C ASP A 88 6.29 -10.58 2.21
N GLY A 89 6.48 -9.33 1.77
CA GLY A 89 5.64 -8.71 0.74
C GLY A 89 4.33 -8.09 1.26
N LYS A 90 4.14 -8.07 2.58
CA LYS A 90 2.82 -7.82 3.15
C LYS A 90 2.78 -6.52 3.96
N PHE A 91 1.58 -5.94 4.10
CA PHE A 91 1.33 -4.76 4.93
C PHE A 91 1.48 -5.12 6.41
N GLY A 92 0.68 -6.08 6.86
CA GLY A 92 0.80 -6.60 8.21
C GLY A 92 -0.58 -6.86 8.83
N THR A 93 -0.81 -8.12 9.25
CA THR A 93 -1.89 -8.53 10.12
C THR A 93 -1.27 -9.31 11.27
N GLN A 94 -2.04 -9.49 12.34
CA GLN A 94 -1.61 -10.22 13.53
C GLN A 94 -2.06 -11.67 13.38
N GLU A 95 -1.10 -12.62 13.39
CA GLU A 95 -1.28 -14.04 13.12
C GLU A 95 -0.73 -14.87 14.29
N ARG A 96 -1.36 -16.03 14.53
CA ARG A 96 -0.86 -16.97 15.52
C ARG A 96 0.42 -17.54 14.96
N VAL A 97 1.47 -17.62 15.79
CA VAL A 97 2.76 -18.06 15.33
C VAL A 97 2.98 -19.52 15.72
N ASN A 98 3.50 -20.28 14.76
CA ASN A 98 4.08 -21.54 15.11
C ASN A 98 2.99 -22.47 15.64
N ASN A 99 1.79 -22.27 15.10
CA ASN A 99 0.60 -23.04 15.43
C ASN A 99 0.30 -22.98 16.92
N SER A 100 0.75 -21.94 17.62
CA SER A 100 0.52 -21.73 19.06
C SER A 100 -0.61 -20.72 19.28
N ASN A 101 -0.89 -20.40 20.54
CA ASN A 101 -1.78 -19.29 20.83
C ASN A 101 -1.07 -17.94 20.87
N LYS A 102 0.25 -17.93 20.81
CA LYS A 102 0.99 -16.68 20.78
C LYS A 102 0.78 -16.03 19.40
N LYS A 103 0.62 -14.70 19.40
CA LYS A 103 0.37 -13.95 18.18
C LYS A 103 1.52 -13.00 17.89
N GLU A 104 1.79 -12.82 16.60
CA GLU A 104 2.77 -11.87 16.10
C GLU A 104 2.21 -11.22 14.84
N TRP A 105 2.80 -10.06 14.55
CA TRP A 105 2.48 -9.32 13.36
C TRP A 105 3.40 -9.78 12.25
N ASN A 106 2.84 -9.94 11.04
CA ASN A 106 3.62 -10.16 9.84
C ASN A 106 3.79 -8.82 9.12
N GLY A 107 4.30 -8.86 7.88
CA GLY A 107 4.43 -7.68 7.04
C GLY A 107 5.27 -6.57 7.68
N MET A 108 5.00 -5.34 7.26
CA MET A 108 5.77 -4.17 7.68
C MET A 108 5.53 -3.93 9.16
N MET A 109 4.31 -4.25 9.66
CA MET A 109 4.03 -4.19 11.09
C MET A 109 5.04 -5.04 11.87
N GLY A 110 5.24 -6.29 11.44
CA GLY A 110 6.16 -7.23 12.11
C GLY A 110 7.60 -6.73 12.15
N GLU A 111 8.05 -6.16 11.02
CA GLU A 111 9.41 -5.69 10.88
C GLU A 111 9.67 -4.47 11.78
N LEU A 112 8.69 -3.57 11.87
CA LEU A 112 8.78 -2.43 12.79
C LEU A 112 8.87 -2.91 14.24
N LEU A 113 8.03 -3.87 14.63
CA LEU A 113 8.01 -4.32 16.02
C LEU A 113 9.30 -5.09 16.38
N SER A 114 9.85 -5.83 15.42
CA SER A 114 11.03 -6.65 15.69
C SER A 114 12.30 -5.82 15.67
N GLY A 115 12.26 -4.63 15.07
CA GLY A 115 13.43 -3.79 14.96
C GLY A 115 14.14 -3.94 13.61
N GLN A 116 13.58 -4.73 12.69
CA GLN A 116 14.09 -4.83 11.34
C GLN A 116 13.86 -3.53 10.58
N ALA A 117 12.87 -2.75 11.04
CA ALA A 117 12.68 -1.39 10.55
C ALA A 117 12.55 -0.46 11.75
N ASP A 118 12.92 0.79 11.55
CA ASP A 118 12.66 1.85 12.52
C ASP A 118 11.44 2.71 12.13
N MET A 119 11.08 2.74 10.84
CA MET A 119 9.96 3.55 10.37
C MET A 119 9.35 2.83 9.17
N ILE A 120 8.01 2.80 9.12
CA ILE A 120 7.28 2.36 7.95
C ILE A 120 6.88 3.59 7.15
N VAL A 121 7.38 3.69 5.92
CA VAL A 121 7.01 4.77 5.02
C VAL A 121 6.38 4.15 3.78
N ALA A 122 5.05 4.12 3.75
CA ALA A 122 4.29 3.30 2.82
C ALA A 122 2.85 3.78 2.84
N PRO A 123 2.00 3.37 1.87
CA PRO A 123 0.56 3.58 1.98
C PRO A 123 -0.08 2.67 3.02
N LEU A 124 0.24 2.98 4.27
CA LEU A 124 -0.09 2.13 5.41
C LEU A 124 -1.33 2.67 6.10
N THR A 125 -2.39 1.85 6.15
CA THR A 125 -3.67 2.28 6.72
C THR A 125 -3.53 2.43 8.24
N ILE A 126 -4.00 3.59 8.72
CA ILE A 126 -4.17 3.87 10.14
C ILE A 126 -5.46 3.24 10.63
N ASN A 127 -5.35 2.32 11.59
CA ASN A 127 -6.54 1.74 12.24
C ASN A 127 -6.22 1.43 13.70
N ASN A 128 -7.27 1.27 14.52
CA ASN A 128 -7.07 1.10 15.96
CA ASN A 128 -7.19 1.03 15.97
C ASN A 128 -6.39 -0.23 16.25
N GLU A 129 -6.63 -1.29 15.47
CA GLU A 129 -6.01 -2.58 15.74
CA GLU A 129 -6.01 -2.58 15.76
C GLU A 129 -4.48 -2.42 15.72
N ARG A 130 -3.98 -1.77 14.68
CA ARG A 130 -2.55 -1.54 14.55
C ARG A 130 -2.07 -0.57 15.62
N ALA A 131 -2.87 0.47 15.88
CA ALA A 131 -2.47 1.51 16.83
C ALA A 131 -2.31 0.95 18.25
N GLN A 132 -2.86 -0.22 18.54
CA GLN A 132 -2.59 -0.88 19.81
C GLN A 132 -1.13 -1.31 19.97
N TYR A 133 -0.43 -1.49 18.85
CA TYR A 133 0.90 -2.05 18.86
C TYR A 133 1.94 -1.03 18.43
N ILE A 134 1.56 -0.09 17.55
CA ILE A 134 2.51 0.90 17.04
C ILE A 134 1.90 2.28 17.16
N GLU A 135 2.70 3.28 16.80
CA GLU A 135 2.23 4.66 16.68
C GLU A 135 2.21 5.10 15.21
N PHE A 136 1.19 5.89 14.89
CA PHE A 136 1.07 6.50 13.58
C PHE A 136 1.27 8.00 13.68
N SER A 137 1.88 8.58 12.65
CA SER A 137 1.75 10.00 12.39
C SER A 137 0.28 10.33 12.10
N LYS A 138 -0.04 11.63 12.10
CA LYS A 138 -1.25 12.09 11.44
C LYS A 138 -1.25 11.63 9.99
N PRO A 139 -2.44 11.47 9.37
CA PRO A 139 -2.48 11.03 7.98
C PRO A 139 -1.70 11.95 7.03
N PHE A 140 -0.89 11.33 6.17
CA PHE A 140 -0.27 12.07 5.08
C PHE A 140 -1.19 12.05 3.87
N LYS A 141 -2.22 11.21 3.92
CA LYS A 141 -3.21 11.14 2.85
C LYS A 141 -4.53 10.62 3.43
N TYR A 142 -5.66 11.20 2.99
CA TYR A 142 -7.00 10.79 3.35
C TYR A 142 -7.66 10.08 2.17
N GLN A 143 -8.17 8.86 2.44
CA GLN A 143 -8.63 7.97 1.38
C GLN A 143 -9.68 7.01 1.95
N GLY A 144 -9.86 5.90 1.25
CA GLY A 144 -10.76 4.87 1.74
C GLY A 144 -10.64 3.63 0.88
N LEU A 145 -11.58 2.70 1.06
CA LEU A 145 -11.68 1.58 0.14
C LEU A 145 -12.65 1.91 -1.00
N THR A 146 -12.37 1.31 -2.14
CA THR A 146 -13.29 1.28 -3.26
C THR A 146 -13.12 -0.05 -3.99
N ILE A 147 -13.73 -0.16 -5.17
CA ILE A 147 -13.80 -1.43 -5.87
C ILE A 147 -13.37 -1.21 -7.32
N LEU A 148 -12.45 -2.06 -7.79
CA LEU A 148 -11.92 -1.98 -9.14
C LEU A 148 -12.57 -3.12 -9.92
N VAL A 149 -13.05 -2.77 -11.12
CA VAL A 149 -13.69 -3.76 -11.99
C VAL A 149 -13.28 -3.44 -13.42
N LYS A 150 -13.58 -4.38 -14.31
CA LYS A 150 -13.43 -4.15 -15.74
C LYS A 150 -14.50 -3.15 -16.21
N LYS A 151 -14.12 -2.26 -17.12
CA LYS A 151 -15.05 -1.33 -17.74
C LYS A 151 -16.22 -2.12 -18.30
N GLY A 152 -17.45 -1.67 -18.00
CA GLY A 152 -18.65 -2.35 -18.43
C GLY A 152 -19.32 -3.13 -17.29
N THR A 153 -18.56 -3.48 -16.25
CA THR A 153 -19.04 -4.35 -15.19
C THR A 153 -20.11 -3.61 -14.37
N ARG A 154 -21.27 -4.28 -14.21
CA ARG A 154 -22.45 -3.71 -13.59
C ARG A 154 -22.45 -4.00 -12.09
N ILE A 155 -21.73 -3.14 -11.34
CA ILE A 155 -21.61 -3.23 -9.88
C ILE A 155 -21.70 -1.81 -9.35
N THR A 156 -22.51 -1.60 -8.30
CA THR A 156 -22.80 -0.25 -7.82
C THR A 156 -21.89 0.15 -6.66
N GLY A 157 -21.39 -0.82 -5.90
CA GLY A 157 -20.77 -0.49 -4.62
C GLY A 157 -20.65 -1.73 -3.76
N ILE A 158 -20.29 -1.51 -2.51
CA ILE A 158 -20.01 -2.61 -1.60
C ILE A 158 -21.33 -3.29 -1.21
N ASN A 159 -22.46 -2.57 -1.36
CA ASN A 159 -23.77 -3.07 -0.98
C ASN A 159 -24.50 -3.71 -2.17
N ASP A 160 -23.83 -3.82 -3.33
CA ASP A 160 -24.40 -4.51 -4.47
C ASP A 160 -24.73 -5.95 -4.08
N PRO A 161 -25.94 -6.48 -4.39
CA PRO A 161 -26.27 -7.87 -4.12
C PRO A 161 -25.29 -8.93 -4.62
N ARG A 162 -24.63 -8.70 -5.76
CA ARG A 162 -23.62 -9.64 -6.25
C ARG A 162 -22.47 -9.82 -5.25
N LEU A 163 -22.18 -8.79 -4.45
CA LEU A 163 -21.15 -8.90 -3.42
C LEU A 163 -21.73 -9.48 -2.14
N ARG A 164 -22.92 -8.99 -1.73
CA ARG A 164 -23.59 -9.36 -0.49
C ARG A 164 -24.04 -10.82 -0.49
N ASN A 165 -24.61 -11.26 -1.62
CA ASN A 165 -25.03 -12.63 -1.83
C ASN A 165 -24.13 -13.26 -2.89
N PRO A 166 -22.90 -13.71 -2.52
CA PRO A 166 -21.97 -14.24 -3.50
C PRO A 166 -22.30 -15.65 -3.99
N SER A 167 -22.17 -15.87 -5.31
CA SER A 167 -22.09 -17.19 -5.90
C SER A 167 -20.67 -17.43 -6.43
N ASP A 168 -20.46 -18.59 -7.07
CA ASP A 168 -19.18 -18.90 -7.68
C ASP A 168 -18.98 -18.06 -8.95
N LYS A 169 -20.07 -17.57 -9.56
CA LYS A 169 -20.03 -16.93 -10.88
C LYS A 169 -19.62 -15.45 -10.79
N PHE A 170 -19.26 -14.96 -9.60
CA PHE A 170 -18.75 -13.60 -9.44
C PHE A 170 -17.72 -13.58 -8.29
N ILE A 171 -16.44 -13.71 -8.63
CA ILE A 171 -15.36 -13.78 -7.65
C ILE A 171 -14.87 -12.37 -7.34
N TYR A 172 -14.80 -12.05 -6.04
CA TYR A 172 -14.20 -10.81 -5.59
C TYR A 172 -13.20 -11.13 -4.49
N ALA A 173 -12.24 -10.22 -4.29
CA ALA A 173 -11.11 -10.49 -3.42
C ALA A 173 -10.41 -9.20 -2.99
N THR A 174 -9.54 -9.32 -1.97
CA THR A 174 -8.60 -8.27 -1.61
C THR A 174 -7.21 -8.88 -1.51
N VAL A 175 -6.33 -8.19 -0.82
CA VAL A 175 -4.95 -8.62 -0.66
C VAL A 175 -4.83 -9.25 0.71
N LYS A 176 -4.15 -10.40 0.71
CA LYS A 176 -3.89 -11.16 1.92
C LYS A 176 -3.00 -10.37 2.86
N GLN A 177 -3.29 -10.51 4.15
CA GLN A 177 -2.50 -9.92 5.22
C GLN A 177 -2.39 -8.39 5.06
N SER A 178 -3.52 -7.77 4.67
CA SER A 178 -3.75 -6.34 4.80
C SER A 178 -4.81 -6.12 5.87
N SER A 179 -5.12 -4.85 6.17
CA SER A 179 -6.15 -4.55 7.14
C SER A 179 -7.57 -4.71 6.57
N VAL A 180 -7.74 -5.10 5.31
CA VAL A 180 -9.06 -5.14 4.70
C VAL A 180 -9.87 -6.28 5.32
N ASP A 181 -9.30 -7.48 5.48
CA ASP A 181 -10.09 -8.56 6.08
C ASP A 181 -10.52 -8.22 7.51
N ILE A 182 -9.67 -7.49 8.24
CA ILE A 182 -9.94 -7.08 9.63
C ILE A 182 -11.20 -6.20 9.70
N TYR A 183 -11.35 -5.27 8.75
CA TYR A 183 -12.47 -4.34 8.74
C TYR A 183 -13.78 -5.05 8.39
N PHE A 184 -13.73 -6.05 7.52
CA PHE A 184 -14.91 -6.83 7.16
C PHE A 184 -15.30 -7.77 8.30
N ARG A 185 -14.30 -8.38 8.96
CA ARG A 185 -14.51 -9.23 10.13
C ARG A 185 -14.99 -8.42 11.35
N ARG A 186 -14.67 -7.12 11.42
CA ARG A 186 -15.02 -6.29 12.57
C ARG A 186 -16.47 -5.79 12.52
N GLN A 187 -17.26 -6.21 11.51
CA GLN A 187 -18.69 -5.98 11.52
C GLN A 187 -19.39 -7.32 11.24
N VAL A 188 -20.41 -7.64 12.04
CA VAL A 188 -21.13 -8.90 11.94
C VAL A 188 -21.97 -8.93 10.66
N GLU A 189 -22.34 -7.75 10.12
CA GLU A 189 -23.12 -7.63 8.91
C GLU A 189 -22.37 -8.20 7.69
N LEU A 190 -21.06 -7.92 7.60
CA LEU A 190 -20.23 -8.19 6.43
C LEU A 190 -19.55 -9.56 6.50
N SER A 191 -20.14 -10.51 7.24
CA SER A 191 -19.45 -11.74 7.61
C SER A 191 -19.19 -12.61 6.39
N THR A 192 -20.24 -12.89 5.60
CA THR A 192 -20.14 -13.85 4.51
C THR A 192 -19.26 -13.28 3.38
N MET A 193 -19.09 -11.95 3.32
CA MET A 193 -18.18 -11.35 2.35
C MET A 193 -16.74 -11.69 2.72
N TYR A 194 -16.36 -11.46 3.99
CA TYR A 194 -15.07 -11.83 4.54
C TYR A 194 -14.76 -13.32 4.28
N ARG A 195 -15.72 -14.20 4.56
CA ARG A 195 -15.55 -15.64 4.39
C ARG A 195 -15.29 -15.99 2.92
N HIS A 196 -15.97 -15.30 1.99
CA HIS A 196 -15.81 -15.52 0.57
C HIS A 196 -14.41 -15.05 0.11
N MET A 197 -14.02 -13.85 0.54
CA MET A 197 -12.76 -13.23 0.16
C MET A 197 -11.57 -14.07 0.61
N GLU A 198 -11.59 -14.57 1.86
CA GLU A 198 -10.50 -15.36 2.42
C GLU A 198 -10.10 -16.49 1.47
N LYS A 199 -11.07 -17.05 0.74
CA LYS A 199 -10.86 -18.17 -0.18
C LYS A 199 -10.01 -17.75 -1.39
N HIS A 200 -10.06 -16.47 -1.79
CA HIS A 200 -9.59 -16.03 -3.10
C HIS A 200 -8.60 -14.87 -3.04
N ASN A 201 -8.05 -14.54 -1.87
CA ASN A 201 -7.29 -13.30 -1.75
C ASN A 201 -5.91 -13.41 -2.42
N TYR A 202 -5.34 -12.26 -2.82
CA TYR A 202 -4.12 -12.24 -3.59
C TYR A 202 -2.93 -11.89 -2.72
N GLU A 203 -1.75 -12.29 -3.21
CA GLU A 203 -0.50 -12.05 -2.51
C GLU A 203 -0.11 -10.56 -2.62
N SER A 204 -0.52 -9.90 -3.70
CA SER A 204 -0.20 -8.50 -3.93
C SER A 204 -1.30 -7.82 -4.73
N ALA A 205 -1.39 -6.49 -4.55
CA ALA A 205 -2.33 -5.65 -5.30
C ALA A 205 -2.07 -5.80 -6.80
N ALA A 206 -0.80 -5.76 -7.18
CA ALA A 206 -0.48 -5.84 -8.61
C ALA A 206 -1.06 -7.12 -9.23
N GLU A 207 -0.98 -8.25 -8.50
CA GLU A 207 -1.51 -9.49 -9.06
C GLU A 207 -3.02 -9.44 -9.16
N ALA A 208 -3.70 -8.90 -8.13
CA ALA A 208 -5.14 -8.77 -8.16
C ALA A 208 -5.58 -7.91 -9.35
N ILE A 209 -4.90 -6.77 -9.52
CA ILE A 209 -5.26 -5.81 -10.57
C ILE A 209 -5.16 -6.51 -11.92
N GLN A 210 -4.04 -7.21 -12.13
CA GLN A 210 -3.79 -7.95 -13.37
C GLN A 210 -4.92 -8.97 -13.59
N ALA A 211 -5.38 -9.60 -12.52
CA ALA A 211 -6.44 -10.59 -12.58
C ALA A 211 -7.76 -9.97 -13.02
N VAL A 212 -8.03 -8.73 -12.58
CA VAL A 212 -9.22 -8.05 -13.05
C VAL A 212 -9.09 -7.78 -14.55
N ARG A 213 -7.93 -7.29 -14.99
CA ARG A 213 -7.68 -7.04 -16.40
C ARG A 213 -7.88 -8.29 -17.26
N ASP A 214 -7.39 -9.42 -16.76
CA ASP A 214 -7.42 -10.70 -17.45
C ASP A 214 -8.73 -11.46 -17.26
N ASN A 215 -9.73 -10.86 -16.61
CA ASN A 215 -11.04 -11.49 -16.41
C ASN A 215 -10.94 -12.76 -15.57
N LYS A 216 -9.97 -12.83 -14.64
CA LYS A 216 -9.90 -13.96 -13.71
C LYS A 216 -10.46 -13.55 -12.35
N LEU A 217 -10.57 -12.23 -12.09
CA LEU A 217 -11.13 -11.68 -10.88
C LEU A 217 -12.17 -10.65 -11.30
N HIS A 218 -13.39 -10.73 -10.78
CA HIS A 218 -14.46 -9.84 -11.20
C HIS A 218 -14.39 -8.47 -10.51
N ALA A 219 -13.95 -8.43 -9.26
CA ALA A 219 -13.95 -7.22 -8.47
C ALA A 219 -12.82 -7.29 -7.43
N PHE A 220 -12.12 -6.18 -7.28
CA PHE A 220 -10.99 -6.10 -6.37
C PHE A 220 -11.23 -4.97 -5.38
N ILE A 221 -11.26 -5.31 -4.10
CA ILE A 221 -11.56 -4.37 -3.03
C ILE A 221 -10.25 -3.88 -2.43
N TRP A 222 -9.98 -2.57 -2.53
CA TRP A 222 -8.66 -2.07 -2.18
C TRP A 222 -8.65 -0.55 -2.00
N ASP A 223 -7.48 -0.01 -1.61
CA ASP A 223 -7.34 1.41 -1.32
C ASP A 223 -7.73 2.27 -2.51
N SER A 224 -8.59 3.26 -2.29
CA SER A 224 -9.00 4.19 -3.35
C SER A 224 -7.81 4.98 -3.92
N ALA A 225 -6.85 5.35 -3.06
CA ALA A 225 -5.68 6.10 -3.50
C ALA A 225 -4.87 5.30 -4.52
N VAL A 226 -4.83 3.97 -4.41
CA VAL A 226 -4.20 3.14 -5.41
C VAL A 226 -5.15 2.85 -6.58
N LEU A 227 -6.38 2.39 -6.30
CA LEU A 227 -7.26 1.93 -7.38
C LEU A 227 -7.67 3.07 -8.33
N GLU A 228 -7.91 4.28 -7.79
CA GLU A 228 -8.32 5.40 -8.63
C GLU A 228 -7.19 5.80 -9.58
N PHE A 229 -5.95 5.73 -9.09
CA PHE A 229 -4.79 5.90 -9.96
C PHE A 229 -4.75 4.81 -11.04
N GLU A 230 -4.79 3.53 -10.62
CA GLU A 230 -4.72 2.40 -11.54
C GLU A 230 -5.80 2.52 -12.64
N ALA A 231 -7.04 2.74 -12.23
CA ALA A 231 -8.17 2.85 -13.16
C ALA A 231 -8.00 4.05 -14.08
N SER A 232 -7.35 5.13 -13.59
CA SER A 232 -7.14 6.35 -14.37
C SER A 232 -5.95 6.19 -15.33
N GLN A 233 -5.12 5.18 -15.09
CA GLN A 233 -3.93 4.89 -15.89
C GLN A 233 -4.24 3.88 -16.98
N LYS A 234 -5.25 3.05 -16.70
CA LYS A 234 -5.61 1.91 -17.52
C LYS A 234 -7.06 2.05 -18.01
N CYS A 235 -7.21 2.27 -19.33
CA CYS A 235 -8.48 2.63 -19.93
C CYS A 235 -9.51 1.48 -19.85
N ASP A 236 -9.06 0.24 -19.62
CA ASP A 236 -9.93 -0.92 -19.53
C ASP A 236 -10.48 -1.16 -18.11
N LEU A 237 -9.99 -0.39 -17.11
CA LEU A 237 -10.33 -0.61 -15.71
C LEU A 237 -11.00 0.63 -15.14
N VAL A 238 -11.98 0.43 -14.26
CA VAL A 238 -12.74 1.51 -13.64
C VAL A 238 -12.88 1.19 -12.16
N THR A 239 -13.25 2.21 -11.37
CA THR A 239 -13.67 2.01 -10.01
C THR A 239 -15.16 2.29 -9.94
N THR A 240 -15.77 1.81 -8.87
CA THR A 240 -17.23 1.86 -8.76
C THR A 240 -17.62 1.92 -7.29
N GLY A 241 -18.73 2.62 -7.05
CA GLY A 241 -19.27 2.73 -5.71
C GLY A 241 -18.66 3.89 -4.95
N GLU A 242 -19.37 4.28 -3.88
CA GLU A 242 -18.87 5.25 -2.93
C GLU A 242 -17.66 4.63 -2.24
N LEU A 243 -16.64 5.46 -1.92
CA LEU A 243 -15.64 5.07 -0.94
C LEU A 243 -16.34 4.59 0.31
N PHE A 244 -15.78 3.55 0.98
CA PHE A 244 -16.21 3.15 2.32
C PHE A 244 -14.99 2.88 3.19
N PHE A 245 -15.22 2.71 4.50
CA PHE A 245 -14.15 2.63 5.49
C PHE A 245 -13.09 3.70 5.18
N ARG A 246 -13.55 4.97 5.10
CA ARG A 246 -12.66 6.09 4.96
C ARG A 246 -11.65 6.07 6.10
N SER A 247 -10.41 6.35 5.75
CA SER A 247 -9.31 6.23 6.69
C SER A 247 -8.05 6.80 6.03
N GLY A 248 -7.05 7.11 6.86
CA GLY A 248 -5.84 7.72 6.35
C GLY A 248 -4.71 6.71 6.12
N PHE A 249 -3.70 7.18 5.42
CA PHE A 249 -2.37 6.58 5.41
C PHE A 249 -1.50 7.36 6.37
N GLY A 250 -0.70 6.62 7.14
CA GLY A 250 0.24 7.21 8.06
C GLY A 250 1.64 6.58 7.99
N ILE A 251 2.59 7.35 8.52
CA ILE A 251 3.92 6.86 8.84
C ILE A 251 3.79 6.03 10.13
N GLY A 252 4.49 4.90 10.16
CA GLY A 252 4.41 3.99 11.28
C GLY A 252 5.75 3.98 12.03
N MET A 253 5.66 4.01 13.37
CA MET A 253 6.83 4.02 14.24
C MET A 253 6.48 3.24 15.49
N ARG A 254 7.51 2.75 16.21
CA ARG A 254 7.29 2.04 17.45
C ARG A 254 6.61 2.94 18.48
N LYS A 255 5.94 2.34 19.48
CA LYS A 255 5.35 3.09 20.58
C LYS A 255 6.41 3.94 21.28
N ASP A 256 5.98 5.13 21.73
CA ASP A 256 6.82 6.09 22.45
C ASP A 256 8.07 6.42 21.66
N SER A 257 7.92 6.46 20.33
CA SER A 257 9.03 6.82 19.47
C SER A 257 9.32 8.30 19.64
N PRO A 258 10.61 8.69 19.73
CA PRO A 258 10.96 10.10 19.80
C PRO A 258 10.82 10.83 18.47
N TRP A 259 10.48 10.09 17.39
CA TRP A 259 10.31 10.69 16.07
C TRP A 259 8.89 11.20 15.83
N LYS A 260 7.89 10.61 16.49
CA LYS A 260 6.49 10.78 16.12
C LYS A 260 6.07 12.24 16.01
N GLN A 261 6.38 13.07 17.01
CA GLN A 261 5.83 14.43 17.05
C GLN A 261 6.37 15.22 15.86
N ASN A 262 7.66 15.07 15.57
CA ASN A 262 8.28 15.82 14.50
C ASN A 262 7.85 15.27 13.13
N VAL A 263 7.58 13.97 13.05
CA VAL A 263 7.05 13.43 11.80
C VAL A 263 5.67 14.06 11.53
N SER A 264 4.81 14.07 12.55
CA SER A 264 3.49 14.67 12.41
C SER A 264 3.58 16.15 12.05
N LEU A 265 4.56 16.85 12.64
CA LEU A 265 4.73 18.28 12.34
C LEU A 265 5.11 18.49 10.87
N SER A 266 5.96 17.63 10.35
CA SER A 266 6.38 17.71 8.96
C SER A 266 5.19 17.51 8.02
N ILE A 267 4.36 16.52 8.32
CA ILE A 267 3.19 16.23 7.51
C ILE A 267 2.19 17.37 7.57
N LEU A 268 1.99 17.97 8.75
CA LEU A 268 1.12 19.12 8.87
C LEU A 268 1.59 20.21 7.90
N LYS A 269 2.88 20.56 7.95
CA LYS A 269 3.42 21.58 7.07
C LYS A 269 3.14 21.30 5.59
N SER A 270 3.34 20.03 5.20
CA SER A 270 3.08 19.60 3.83
C SER A 270 1.62 19.72 3.43
N HIS A 271 0.66 19.44 4.35
CA HIS A 271 -0.74 19.74 4.08
C HIS A 271 -0.99 21.25 3.99
N GLU A 272 -0.31 22.03 4.81
CA GLU A 272 -0.55 23.46 4.90
C GLU A 272 -0.03 24.23 3.68
N ASN A 273 1.09 23.79 3.07
CA ASN A 273 1.86 24.63 2.15
C ASN A 273 1.79 24.16 0.70
N GLY A 274 0.89 23.22 0.42
CA GLY A 274 0.68 22.72 -0.95
C GLY A 274 1.63 21.57 -1.35
N PHE A 275 2.54 21.10 -0.48
CA PHE A 275 3.50 20.07 -0.88
C PHE A 275 2.79 18.75 -1.22
N MET A 276 1.82 18.34 -0.42
CA MET A 276 1.02 17.15 -0.73
C MET A 276 0.32 17.26 -2.09
N GLU A 277 -0.27 18.42 -2.39
CA GLU A 277 -0.91 18.61 -3.68
C GLU A 277 0.11 18.58 -4.82
N ASP A 278 1.32 19.14 -4.62
CA ASP A 278 2.36 19.02 -5.63
C ASP A 278 2.68 17.54 -5.91
N LEU A 279 2.76 16.73 -4.83
CA LEU A 279 3.00 15.28 -4.98
C LEU A 279 1.87 14.62 -5.78
N ASP A 280 0.63 15.01 -5.47
CA ASP A 280 -0.54 14.55 -6.22
C ASP A 280 -0.43 14.87 -7.72
N LYS A 281 0.05 16.07 -8.03
CA LYS A 281 0.14 16.54 -9.40
C LYS A 281 1.31 15.87 -10.11
N THR A 282 2.28 15.35 -9.34
CA THR A 282 3.41 14.59 -9.86
C THR A 282 3.08 13.10 -10.05
N TRP A 283 2.38 12.48 -9.08
CA TRP A 283 2.28 11.04 -9.02
C TRP A 283 0.86 10.49 -9.21
N VAL A 284 -0.19 11.30 -8.99
CA VAL A 284 -1.55 10.78 -8.88
C VAL A 284 -2.45 11.23 -10.04
N ARG A 285 -2.39 12.50 -10.42
CA ARG A 285 -3.23 13.04 -11.48
C ARG A 285 -2.44 13.98 -12.40
N TYR A 286 -2.07 13.48 -13.57
CA TYR A 286 -1.20 14.26 -14.45
C TYR A 286 -1.41 13.98 -15.93
N GLN A 287 -2.04 12.86 -16.33
CA GLN A 287 -2.24 12.56 -17.75
C GLN A 287 -3.38 11.56 -17.95
N GLU A 288 -3.80 11.36 -19.20
CA GLU A 288 -4.88 10.44 -19.53
C GLU A 288 -4.39 8.98 -19.53
N CYS A 289 -5.33 8.03 -19.56
CA CYS A 289 -5.00 6.60 -19.47
C CYS A 289 -4.13 6.17 -20.65
N ASP A 290 -3.08 5.38 -20.41
CA ASP A 290 -2.24 4.89 -21.50
C ASP A 290 -1.75 3.46 -21.20
N SER A 291 -2.48 2.75 -20.31
CA SER A 291 -2.11 1.51 -19.61
C SER A 291 -0.64 1.47 -19.19
#